data_3VHL
#
_entry.id   3VHL
#
_cell.length_a   104.185
_cell.length_b   73.279
_cell.length_c   65.031
_cell.angle_alpha   90.00
_cell.angle_beta   104.82
_cell.angle_gamma   90.00
#
_symmetry.space_group_name_H-M   'C 1 2 1'
#
loop_
_entity.id
_entity.type
_entity.pdbx_description
1 polymer 'Dedicator of cytokinesis protein 8'
2 polymer 'Cell division control protein 42 homolog'
3 non-polymer 'PHOSPHATE ION'
4 water water
#
loop_
_entity_poly.entity_id
_entity_poly.type
_entity_poly.pdbx_seq_one_letter_code
_entity_poly.pdbx_strand_id
1 'polypeptide(L)'
;GSSGSSGDHKRMFGTYFRVGFYGSRFGDLDEQEFVYKEPAITKLPEISHRLEGFYGQCFGAEFVEVIKDSTPVDKTKLDP
NKAYIQITFVEPYFDEYEMKDRVTYFEKNFNLRRFMYTTPFTLEGRPRGELHEQHRRNTVLTTMHAFPYIKTRIRVSQKE
EFVLTPIEVAIEDMKKKTLQLAVATHQEPPDAKMLQMVLQGSVGATVNQGPLEVAQVFLAEIPADPKLYRHHNKLRLCFK
EFIMRCGEAVEKNRRLITAEQREYQQELKKNYNKLRDSLRPMIERKIP
;
A
2 'polypeptide(L)'
;GSSGSSGMQTIKCVVVGDGAVGKNCLLISYTTNKFPSEYVPTVFDNYAVTVMIGGEPYTLGLFDTAGQEDYDRLRPLSYP
QTDVFLVCFSVVSPSSFENVKEKWVPEITHHCPKTPFLLVGTQIDLRDDPSTIEKLAKNKQKPITPETAEKLARDLKAVK
YVECSALTQKGLKNVFDEAILAALEPPEPKKSRRS
;
B
#
# COMPACT_ATOMS: atom_id res chain seq x y z
N PHE A 13 -13.62 -10.94 -13.26
CA PHE A 13 -14.67 -10.94 -12.24
C PHE A 13 -15.26 -9.54 -12.05
N GLY A 14 -14.67 -8.76 -11.14
CA GLY A 14 -15.07 -7.38 -10.90
C GLY A 14 -14.45 -6.87 -9.62
N THR A 15 -14.46 -5.55 -9.42
CA THR A 15 -13.95 -4.93 -8.20
C THR A 15 -15.09 -4.17 -7.53
N TYR A 16 -15.32 -4.42 -6.23
CA TYR A 16 -16.43 -3.78 -5.52
C TYR A 16 -16.03 -2.62 -4.62
N PHE A 17 -16.92 -1.63 -4.50
CA PHE A 17 -16.66 -0.48 -3.65
C PHE A 17 -17.93 -0.06 -2.92
N ARG A 18 -17.79 0.24 -1.63
CA ARG A 18 -18.85 0.91 -0.93
C ARG A 18 -18.86 2.38 -1.34
N VAL A 19 -20.05 2.90 -1.62
CA VAL A 19 -20.18 4.29 -2.00
C VAL A 19 -21.32 4.90 -1.21
N GLY A 20 -21.05 6.02 -0.55
CA GLY A 20 -22.13 6.64 0.20
C GLY A 20 -22.02 8.14 0.03
N PHE A 21 -23.19 8.77 0.12
CA PHE A 21 -23.37 10.17 -0.24
C PHE A 21 -23.89 10.96 0.97
N TYR A 22 -23.33 12.15 1.16
CA TYR A 22 -23.67 12.99 2.29
C TYR A 22 -23.83 14.47 1.90
N GLY A 23 -24.87 15.09 2.44
CA GLY A 23 -25.20 16.49 2.23
C GLY A 23 -26.50 16.67 1.44
N SER A 24 -27.23 17.74 1.77
CA SER A 24 -28.57 17.85 1.22
C SER A 24 -28.54 18.12 -0.28
N ARG A 25 -27.36 18.45 -0.82
CA ARG A 25 -27.25 18.61 -2.26
C ARG A 25 -27.58 17.31 -3.00
N PHE A 26 -27.42 16.17 -2.32
CA PHE A 26 -27.67 14.88 -2.94
C PHE A 26 -29.15 14.49 -2.94
N GLY A 27 -30.00 15.35 -2.36
CA GLY A 27 -31.42 15.09 -2.37
C GLY A 27 -31.74 13.73 -1.80
N ASP A 28 -32.45 12.90 -2.57
CA ASP A 28 -32.87 11.58 -2.11
C ASP A 28 -31.71 10.66 -1.74
N LEU A 29 -30.54 10.90 -2.33
CA LEU A 29 -29.38 10.04 -2.10
C LEU A 29 -28.64 10.36 -0.81
N ASP A 30 -29.00 11.46 -0.17
CA ASP A 30 -28.32 11.90 1.04
C ASP A 30 -28.37 10.76 2.05
N GLU A 31 -27.19 10.37 2.56
CA GLU A 31 -27.08 9.30 3.56
C GLU A 31 -27.27 7.89 3.03
N GLN A 32 -27.55 7.75 1.73
CA GLN A 32 -27.69 6.41 1.16
C GLN A 32 -26.31 5.80 0.85
N GLU A 33 -26.19 4.49 1.03
CA GLU A 33 -25.00 3.74 0.66
C GLU A 33 -25.30 2.61 -0.32
N PHE A 34 -24.33 2.33 -1.19
CA PHE A 34 -24.46 1.30 -2.19
C PHE A 34 -23.19 0.52 -2.21
N VAL A 35 -23.27 -0.67 -2.78
CA VAL A 35 -22.06 -1.30 -3.23
C VAL A 35 -22.05 -1.20 -4.74
N TYR A 36 -20.99 -0.61 -5.28
CA TYR A 36 -20.76 -0.52 -6.73
C TYR A 36 -19.91 -1.69 -7.22
N LYS A 37 -20.35 -2.34 -8.30
CA LYS A 37 -19.52 -3.32 -8.98
C LYS A 37 -18.81 -2.67 -10.18
N GLU A 38 -17.49 -2.52 -10.06
CA GLU A 38 -16.64 -2.03 -11.15
C GLU A 38 -16.04 -3.17 -11.95
N PRO A 39 -15.67 -2.89 -13.21
CA PRO A 39 -15.10 -3.94 -14.05
C PRO A 39 -13.74 -4.43 -13.59
N ALA A 40 -13.43 -5.68 -13.90
CA ALA A 40 -12.07 -6.20 -13.91
C ALA A 40 -11.30 -5.73 -12.71
N ILE A 41 -10.17 -5.08 -12.93
CA ILE A 41 -9.40 -4.57 -11.80
C ILE A 41 -9.50 -3.06 -11.84
N THR A 42 -10.35 -2.53 -10.99
CA THR A 42 -10.52 -1.09 -10.92
C THR A 42 -9.91 -0.62 -9.62
N LYS A 43 -9.12 0.44 -9.70
CA LYS A 43 -8.38 0.94 -8.54
C LYS A 43 -9.04 2.17 -7.93
N LEU A 44 -8.82 2.37 -6.65
CA LEU A 44 -9.47 3.45 -5.93
C LEU A 44 -9.42 4.78 -6.69
N PRO A 45 -8.23 5.16 -7.15
CA PRO A 45 -8.18 6.47 -7.81
C PRO A 45 -9.14 6.57 -9.01
N GLU A 46 -9.40 5.47 -9.71
CA GLU A 46 -10.25 5.51 -10.90
C GLU A 46 -11.74 5.70 -10.57
N ILE A 47 -12.26 4.88 -9.66
CA ILE A 47 -13.65 5.11 -9.31
C ILE A 47 -13.83 6.48 -8.61
N SER A 48 -12.85 6.87 -7.78
CA SER A 48 -12.89 8.16 -7.11
C SER A 48 -12.96 9.37 -8.09
N HIS A 49 -12.08 9.41 -9.09
CA HIS A 49 -12.08 10.42 -10.16
C HIS A 49 -13.39 10.37 -10.96
N ARG A 50 -13.90 9.18 -11.21
CA ARG A 50 -15.17 9.08 -11.93
C ARG A 50 -16.31 9.77 -11.17
N LEU A 51 -16.46 9.40 -9.90
CA LEU A 51 -17.54 9.90 -9.07
C LEU A 51 -17.39 11.39 -8.77
N GLU A 52 -16.19 11.79 -8.35
CA GLU A 52 -15.95 13.20 -8.07
C GLU A 52 -16.14 14.06 -9.32
N GLY A 53 -15.66 13.57 -10.47
CA GLY A 53 -15.84 14.25 -11.74
C GLY A 53 -17.29 14.35 -12.19
N PHE A 54 -18.04 13.25 -12.07
CA PHE A 54 -19.47 13.26 -12.38
C PHE A 54 -20.23 14.28 -11.53
N TYR A 55 -20.11 14.17 -10.22
CA TYR A 55 -20.79 15.11 -9.35
C TYR A 55 -20.30 16.56 -9.51
N GLY A 56 -19.03 16.72 -9.88
CA GLY A 56 -18.52 18.03 -10.21
C GLY A 56 -19.27 18.62 -11.39
N GLN A 57 -19.58 17.78 -12.38
CA GLN A 57 -20.36 18.22 -13.54
C GLN A 57 -21.81 18.57 -13.17
N CYS A 58 -22.40 17.84 -12.22
CA CYS A 58 -23.78 18.10 -11.82
C CYS A 58 -23.95 19.35 -10.95
N PHE A 59 -23.17 19.39 -9.87
CA PHE A 59 -23.20 20.41 -8.83
C PHE A 59 -22.26 21.60 -9.04
N GLY A 60 -21.15 21.36 -9.73
CA GLY A 60 -20.01 22.26 -9.78
C GLY A 60 -18.95 21.77 -8.82
N ALA A 61 -17.69 21.81 -9.27
CA ALA A 61 -16.58 21.15 -8.57
C ALA A 61 -16.33 21.68 -7.15
N GLU A 62 -16.51 22.99 -7.00
CA GLU A 62 -16.31 23.64 -5.72
C GLU A 62 -17.14 23.00 -4.60
N PHE A 63 -18.27 22.38 -4.94
CA PHE A 63 -19.16 21.82 -3.91
C PHE A 63 -18.94 20.34 -3.63
N VAL A 64 -18.00 19.71 -4.32
CA VAL A 64 -17.89 18.25 -4.22
C VAL A 64 -16.59 17.85 -3.50
N GLU A 65 -16.67 16.94 -2.54
CA GLU A 65 -15.46 16.45 -1.84
C GLU A 65 -15.54 14.93 -1.67
N VAL A 66 -14.38 14.28 -1.77
CA VAL A 66 -14.32 12.85 -1.49
C VAL A 66 -13.91 12.68 -0.04
N ILE A 67 -14.67 11.90 0.72
CA ILE A 67 -14.24 11.58 2.09
C ILE A 67 -13.13 10.55 1.97
N LYS A 68 -12.01 10.85 2.58
CA LYS A 68 -10.74 10.14 2.42
C LYS A 68 -10.47 9.05 3.47
N ASP A 69 -11.55 8.55 4.03
CA ASP A 69 -11.48 7.63 5.15
C ASP A 69 -12.74 6.75 5.15
N SER A 70 -12.66 5.57 5.76
CA SER A 70 -13.81 4.65 5.79
C SER A 70 -14.65 4.73 7.10
N THR A 71 -14.22 5.56 8.04
CA THR A 71 -14.91 5.68 9.33
C THR A 71 -16.30 6.24 9.18
N PRO A 72 -17.24 5.80 10.03
CA PRO A 72 -18.62 6.33 9.96
C PRO A 72 -18.62 7.86 9.93
N VAL A 73 -19.39 8.43 9.01
CA VAL A 73 -19.41 9.86 8.81
C VAL A 73 -20.14 10.58 9.91
N ASP A 74 -19.52 11.63 10.44
CA ASP A 74 -20.15 12.47 11.46
C ASP A 74 -20.57 13.78 10.75
N LYS A 75 -21.86 13.94 10.51
CA LYS A 75 -22.32 15.06 9.70
C LYS A 75 -21.92 16.41 10.29
N THR A 76 -21.76 16.45 11.61
CA THR A 76 -21.44 17.71 12.25
C THR A 76 -20.03 18.18 11.88
N LYS A 77 -19.20 17.27 11.38
CA LYS A 77 -17.84 17.63 11.00
C LYS A 77 -17.75 18.02 9.52
N LEU A 78 -18.91 18.06 8.87
CA LEU A 78 -18.96 18.33 7.44
C LEU A 78 -19.44 19.76 7.19
N ASP A 79 -18.93 20.35 6.12
CA ASP A 79 -19.49 21.60 5.61
C ASP A 79 -20.85 21.27 5.04
N PRO A 80 -21.93 21.83 5.64
CA PRO A 80 -23.29 21.46 5.25
C PRO A 80 -23.59 21.75 3.80
N ASN A 81 -22.89 22.74 3.25
CA ASN A 81 -23.12 23.23 1.89
C ASN A 81 -22.55 22.31 0.80
N LYS A 82 -21.71 21.36 1.18
CA LYS A 82 -21.04 20.55 0.17
C LYS A 82 -21.68 19.19 -0.03
N ALA A 83 -21.19 18.48 -1.06
CA ALA A 83 -21.67 17.16 -1.38
C ALA A 83 -20.48 16.23 -1.21
N TYR A 84 -20.54 15.38 -0.19
CA TYR A 84 -19.44 14.50 0.18
C TYR A 84 -19.73 13.06 -0.25
N ILE A 85 -18.71 12.43 -0.81
CA ILE A 85 -18.80 11.04 -1.27
C ILE A 85 -17.76 10.22 -0.52
N GLN A 86 -18.21 9.19 0.18
CA GLN A 86 -17.30 8.27 0.87
C GLN A 86 -17.16 7.06 -0.03
N ILE A 87 -15.91 6.72 -0.38
CA ILE A 87 -15.61 5.62 -1.30
C ILE A 87 -14.62 4.65 -0.70
N THR A 88 -15.02 3.39 -0.57
CA THR A 88 -14.24 2.44 0.19
C THR A 88 -14.22 1.12 -0.56
N PHE A 89 -13.00 0.62 -0.77
CA PHE A 89 -12.82 -0.69 -1.40
C PHE A 89 -13.40 -1.76 -0.48
N VAL A 90 -14.14 -2.70 -1.07
CA VAL A 90 -14.64 -3.82 -0.29
C VAL A 90 -14.40 -5.10 -1.05
N GLU A 91 -14.29 -6.19 -0.31
CA GLU A 91 -14.20 -7.50 -0.92
C GLU A 91 -15.43 -8.31 -0.53
N PRO A 92 -15.82 -9.30 -1.36
CA PRO A 92 -16.89 -10.22 -1.00
C PRO A 92 -16.56 -10.90 0.34
N TYR A 93 -17.55 -10.98 1.22
CA TYR A 93 -17.30 -11.37 2.60
C TYR A 93 -17.80 -12.77 2.90
N PHE A 94 -16.93 -13.58 3.51
CA PHE A 94 -17.30 -14.87 4.05
C PHE A 94 -16.83 -15.01 5.51
N ASP A 95 -17.71 -15.53 6.37
CA ASP A 95 -17.34 -15.80 7.76
C ASP A 95 -16.17 -16.77 7.79
N GLU A 96 -15.32 -16.66 8.81
CA GLU A 96 -14.13 -17.51 8.86
C GLU A 96 -14.47 -18.99 8.67
N TYR A 97 -15.53 -19.46 9.34
CA TYR A 97 -15.95 -20.86 9.21
C TYR A 97 -16.25 -21.24 7.73
N GLU A 98 -16.86 -20.32 6.99
CA GLU A 98 -17.15 -20.49 5.56
C GLU A 98 -15.90 -20.66 4.70
N MET A 99 -14.88 -19.84 5.00
CA MET A 99 -13.62 -19.84 4.29
C MET A 99 -13.02 -21.24 4.06
N LYS A 100 -13.14 -22.12 5.07
CA LYS A 100 -12.68 -23.50 4.98
C LYS A 100 -11.17 -23.65 5.08
N PHE A 110 -20.65 -15.67 -8.93
CA PHE A 110 -21.93 -16.23 -8.49
C PHE A 110 -22.64 -15.28 -7.53
N ASN A 111 -23.46 -15.84 -6.63
CA ASN A 111 -24.35 -15.02 -5.81
C ASN A 111 -23.60 -14.36 -4.65
N LEU A 112 -23.58 -13.02 -4.64
CA LEU A 112 -22.88 -12.26 -3.60
C LEU A 112 -23.75 -11.20 -2.96
N ARG A 113 -24.10 -11.41 -1.71
CA ARG A 113 -24.85 -10.40 -0.95
C ARG A 113 -24.08 -9.64 0.13
N ARG A 114 -22.85 -10.06 0.44
CA ARG A 114 -22.15 -9.49 1.59
C ARG A 114 -20.74 -9.11 1.22
N PHE A 115 -20.30 -7.97 1.76
CA PHE A 115 -19.03 -7.35 1.39
C PHE A 115 -18.41 -6.73 2.63
N MET A 116 -17.08 -6.70 2.68
CA MET A 116 -16.48 -6.18 3.91
C MET A 116 -15.33 -5.22 3.62
N TYR A 117 -15.28 -4.15 4.39
CA TYR A 117 -14.09 -3.30 4.38
C TYR A 117 -13.55 -3.28 5.79
N THR A 118 -12.24 -3.06 5.91
CA THR A 118 -11.64 -3.01 7.21
C THR A 118 -11.14 -1.59 7.48
N THR A 119 -11.14 -1.18 8.73
CA THR A 119 -10.45 0.06 9.04
C THR A 119 -9.68 -0.08 10.32
N PRO A 120 -8.43 0.41 10.28
CA PRO A 120 -7.53 0.31 11.42
C PRO A 120 -8.00 1.33 12.43
N PHE A 121 -7.90 1.03 13.72
CA PHE A 121 -8.19 2.03 14.74
C PHE A 121 -7.52 1.62 16.05
N THR A 122 -7.31 2.60 16.92
CA THR A 122 -6.84 2.34 18.27
C THR A 122 -7.89 2.86 19.29
N LEU A 123 -7.83 2.33 20.52
CA LEU A 123 -8.77 2.73 21.56
C LEU A 123 -8.42 4.15 21.97
N GLU A 124 -7.21 4.57 21.66
CA GLU A 124 -6.84 5.95 21.97
C GLU A 124 -7.32 6.97 20.92
N GLY A 125 -8.06 6.49 19.91
CA GLY A 125 -8.85 7.39 19.05
C GLY A 125 -8.23 7.71 17.70
N ARG A 126 -7.10 7.09 17.39
CA ARG A 126 -6.39 7.30 16.12
C ARG A 126 -6.44 6.06 15.26
N PRO A 127 -6.31 6.24 13.95
CA PRO A 127 -6.34 5.06 13.06
C PRO A 127 -5.16 4.10 13.30
N ARG A 128 -3.96 4.59 13.60
CA ARG A 128 -2.81 3.71 13.72
C ARG A 128 -1.99 3.99 14.98
N GLY A 129 -1.36 2.95 15.51
CA GLY A 129 -0.66 3.06 16.77
C GLY A 129 0.40 1.98 16.85
N GLU A 130 0.95 1.79 18.03
CA GLU A 130 1.95 0.73 18.28
C GLU A 130 1.29 -0.62 18.06
N LEU A 131 2.12 -1.62 17.81
CA LEU A 131 1.65 -2.98 17.61
C LEU A 131 0.66 -3.39 18.70
N HIS A 132 0.98 -3.10 19.96
CA HIS A 132 0.11 -3.53 21.06
C HIS A 132 -1.21 -2.74 21.14
N GLU A 133 -1.26 -1.58 20.47
CA GLU A 133 -2.48 -0.74 20.38
C GLU A 133 -3.39 -1.02 19.20
N GLN A 134 -2.87 -1.68 18.17
CA GLN A 134 -3.51 -1.66 16.85
C GLN A 134 -4.69 -2.62 16.77
N HIS A 135 -5.90 -2.06 16.59
CA HIS A 135 -7.08 -2.86 16.32
C HIS A 135 -7.43 -2.75 14.84
N ARG A 136 -8.41 -3.54 14.42
CA ARG A 136 -8.97 -3.48 13.09
C ARG A 136 -10.46 -3.69 13.21
N ARG A 137 -11.23 -2.89 12.48
CA ARG A 137 -12.68 -3.06 12.46
C ARG A 137 -13.04 -3.69 11.14
N ASN A 138 -13.81 -4.78 11.17
CA ASN A 138 -14.31 -5.35 9.91
C ASN A 138 -15.78 -4.96 9.78
N THR A 139 -16.09 -4.13 8.80
CA THR A 139 -17.46 -3.71 8.61
C THR A 139 -18.09 -4.53 7.50
N VAL A 140 -19.16 -5.24 7.85
CA VAL A 140 -19.80 -6.15 6.91
C VAL A 140 -21.08 -5.56 6.36
N LEU A 141 -21.09 -5.35 5.05
CA LEU A 141 -22.24 -4.78 4.38
C LEU A 141 -23.07 -5.86 3.72
N THR A 142 -24.38 -5.81 3.93
CA THR A 142 -25.32 -6.68 3.23
C THR A 142 -26.10 -5.84 2.23
N THR A 143 -26.11 -6.28 0.96
CA THR A 143 -26.85 -5.56 -0.07
C THR A 143 -28.33 -5.93 -0.10
N MET A 144 -29.16 -4.99 -0.56
CA MET A 144 -30.60 -5.20 -0.71
C MET A 144 -30.93 -6.38 -1.64
N HIS A 145 -30.16 -6.53 -2.72
CA HIS A 145 -30.27 -7.70 -3.60
C HIS A 145 -28.89 -8.33 -3.74
N ALA A 146 -28.81 -9.45 -4.42
CA ALA A 146 -27.53 -10.12 -4.60
C ALA A 146 -26.95 -9.79 -5.98
N PHE A 147 -25.63 -9.72 -6.09
CA PHE A 147 -24.99 -9.79 -7.40
C PHE A 147 -25.02 -11.25 -7.88
N PRO A 148 -25.03 -11.48 -9.20
CA PRO A 148 -25.07 -10.49 -10.28
C PRO A 148 -26.45 -9.86 -10.39
N TYR A 149 -26.49 -8.64 -10.89
CA TYR A 149 -27.69 -7.82 -10.79
C TYR A 149 -27.89 -7.00 -12.05
N ILE A 150 -29.14 -6.65 -12.32
CA ILE A 150 -29.51 -5.90 -13.52
C ILE A 150 -28.90 -4.48 -13.55
N LYS A 151 -28.62 -3.89 -12.40
CA LYS A 151 -27.89 -2.62 -12.38
C LYS A 151 -26.46 -2.82 -11.92
N THR A 152 -25.64 -1.77 -11.98
CA THR A 152 -24.21 -1.89 -11.65
C THR A 152 -23.88 -1.51 -10.19
N ARG A 153 -24.93 -1.16 -9.45
CA ARG A 153 -24.74 -0.91 -8.03
C ARG A 153 -25.98 -1.38 -7.29
N ILE A 154 -25.83 -1.72 -6.03
CA ILE A 154 -26.95 -2.20 -5.22
C ILE A 154 -27.00 -1.48 -3.87
N ARG A 155 -28.19 -1.11 -3.40
CA ARG A 155 -28.33 -0.46 -2.11
C ARG A 155 -27.89 -1.37 -0.94
N VAL A 156 -27.21 -0.75 0.03
CA VAL A 156 -26.87 -1.44 1.29
C VAL A 156 -28.07 -1.44 2.22
N SER A 157 -28.50 -2.65 2.63
CA SER A 157 -29.62 -2.79 3.56
C SER A 157 -29.26 -3.06 5.02
N GLN A 158 -28.02 -3.46 5.28
CA GLN A 158 -27.58 -3.76 6.65
C GLN A 158 -26.09 -3.53 6.76
N LYS A 159 -25.65 -3.10 7.93
CA LYS A 159 -24.23 -2.89 8.20
C LYS A 159 -23.92 -3.43 9.59
N GLU A 160 -22.95 -4.33 9.71
CA GLU A 160 -22.54 -4.86 10.99
C GLU A 160 -21.08 -4.57 11.19
N GLU A 161 -20.65 -4.43 12.44
CA GLU A 161 -19.23 -4.23 12.72
C GLU A 161 -18.65 -5.28 13.65
N PHE A 162 -17.47 -5.78 13.29
CA PHE A 162 -16.77 -6.78 14.09
C PHE A 162 -15.38 -6.25 14.39
N VAL A 163 -14.80 -6.59 15.55
CA VAL A 163 -13.48 -6.08 15.80
C VAL A 163 -12.42 -7.15 16.06
N LEU A 164 -11.22 -6.88 15.54
CA LEU A 164 -10.06 -7.69 15.82
C LEU A 164 -9.18 -6.94 16.84
N THR A 165 -8.81 -7.63 17.90
CA THR A 165 -7.88 -7.10 18.89
C THR A 165 -6.47 -7.09 18.33
N PRO A 166 -5.54 -6.41 19.00
CA PRO A 166 -4.19 -6.25 18.47
C PRO A 166 -3.50 -7.58 18.12
N ILE A 167 -3.60 -8.59 18.98
CA ILE A 167 -2.96 -9.85 18.66
C ILE A 167 -3.61 -10.48 17.43
N GLU A 168 -4.93 -10.31 17.31
CA GLU A 168 -5.64 -10.83 16.15
C GLU A 168 -5.23 -10.14 14.87
N VAL A 169 -5.01 -8.83 14.95
CA VAL A 169 -4.53 -8.08 13.80
C VAL A 169 -3.18 -8.69 13.42
N ALA A 170 -2.33 -8.97 14.41
CA ALA A 170 -0.98 -9.50 14.12
C ALA A 170 -1.06 -10.90 13.50
N ILE A 171 -1.97 -11.72 14.00
CA ILE A 171 -2.18 -13.05 13.45
C ILE A 171 -2.47 -12.99 11.94
N GLU A 172 -3.38 -12.12 11.54
CA GLU A 172 -3.72 -11.93 10.12
C GLU A 172 -2.57 -11.41 9.27
N ASP A 173 -1.82 -10.43 9.78
CA ASP A 173 -0.68 -9.87 9.09
C ASP A 173 0.27 -11.05 8.80
N MET A 174 0.56 -11.85 9.83
CA MET A 174 1.44 -13.01 9.67
C MET A 174 0.92 -14.06 8.66
N LYS A 175 -0.31 -14.54 8.87
CA LYS A 175 -0.86 -15.55 7.97
C LYS A 175 -0.84 -15.06 6.52
N LYS A 176 -1.16 -13.80 6.29
CA LYS A 176 -1.28 -13.31 4.93
C LYS A 176 0.08 -13.18 4.27
N LYS A 177 1.08 -12.73 5.03
CA LYS A 177 2.44 -12.66 4.51
C LYS A 177 3.01 -14.06 4.26
N THR A 178 2.74 -14.97 5.19
CA THR A 178 3.20 -16.35 5.07
C THR A 178 2.70 -16.98 3.78
N LEU A 179 1.42 -16.77 3.47
CA LEU A 179 0.85 -17.35 2.26
C LEU A 179 1.47 -16.71 1.02
N GLN A 180 1.61 -15.39 1.04
CA GLN A 180 2.20 -14.66 -0.08
C GLN A 180 3.61 -15.20 -0.36
N LEU A 181 4.40 -15.38 0.70
CA LEU A 181 5.78 -15.84 0.58
C LEU A 181 5.82 -17.27 0.04
N ALA A 182 4.91 -18.10 0.53
CA ALA A 182 4.87 -19.50 0.14
C ALA A 182 4.54 -19.61 -1.34
N VAL A 183 3.61 -18.79 -1.79
CA VAL A 183 3.25 -18.84 -3.19
C VAL A 183 4.43 -18.35 -4.03
N ALA A 184 5.05 -17.25 -3.61
CA ALA A 184 6.15 -16.67 -4.36
C ALA A 184 7.27 -17.67 -4.50
N THR A 185 7.44 -18.49 -3.47
CA THR A 185 8.54 -19.44 -3.41
C THR A 185 8.29 -20.65 -4.29
N HIS A 186 7.09 -21.22 -4.18
CA HIS A 186 6.78 -22.47 -4.85
C HIS A 186 6.07 -22.37 -6.19
N GLN A 187 5.84 -21.16 -6.68
CA GLN A 187 5.13 -21.05 -7.97
C GLN A 187 5.97 -21.61 -9.12
N GLU A 188 5.27 -22.16 -10.11
CA GLU A 188 5.90 -22.57 -11.35
C GLU A 188 5.14 -21.94 -12.52
N PRO A 189 5.89 -21.42 -13.50
CA PRO A 189 7.35 -21.40 -13.40
C PRO A 189 7.80 -20.39 -12.35
N PRO A 190 9.06 -20.50 -11.93
CA PRO A 190 9.60 -19.60 -10.91
C PRO A 190 9.49 -18.13 -11.32
N ASP A 191 9.33 -17.22 -10.35
CA ASP A 191 9.44 -15.80 -10.66
C ASP A 191 10.36 -15.25 -9.59
N ALA A 192 11.63 -15.06 -9.93
CA ALA A 192 12.63 -14.74 -8.91
C ALA A 192 12.44 -13.32 -8.38
N LYS A 193 11.99 -12.43 -9.24
CA LYS A 193 11.69 -11.07 -8.84
C LYS A 193 10.61 -11.01 -7.75
N MET A 194 9.50 -11.72 -7.97
CA MET A 194 8.47 -11.73 -6.94
C MET A 194 8.96 -12.41 -5.66
N LEU A 195 9.70 -13.51 -5.80
CA LEU A 195 10.23 -14.17 -4.61
C LEU A 195 11.13 -13.21 -3.81
N GLN A 196 12.06 -12.55 -4.48
CA GLN A 196 12.98 -11.67 -3.79
C GLN A 196 12.27 -10.52 -3.11
N MET A 197 11.23 -10.01 -3.76
CA MET A 197 10.48 -8.89 -3.21
C MET A 197 9.78 -9.27 -1.89
N VAL A 198 9.09 -10.41 -1.88
CA VAL A 198 8.38 -10.84 -0.68
C VAL A 198 9.38 -11.17 0.41
N LEU A 199 10.42 -11.92 0.03
CA LEU A 199 11.42 -12.40 0.97
C LEU A 199 12.24 -11.27 1.58
N GLN A 200 12.77 -10.36 0.77
CA GLN A 200 13.52 -9.28 1.37
C GLN A 200 12.63 -8.50 2.34
N GLY A 201 11.37 -8.27 1.97
CA GLY A 201 10.42 -7.58 2.84
C GLY A 201 10.03 -8.38 4.06
N SER A 202 10.28 -9.69 4.04
CA SER A 202 9.93 -10.56 5.15
C SER A 202 11.07 -10.63 6.18
N VAL A 203 12.26 -11.06 5.76
CA VAL A 203 13.38 -11.17 6.69
C VAL A 203 14.33 -9.97 6.68
N GLY A 204 14.19 -9.12 5.67
CA GLY A 204 15.05 -7.97 5.42
C GLY A 204 14.46 -6.56 5.50
N ALA A 205 13.30 -6.37 6.14
CA ALA A 205 12.66 -5.06 6.12
C ALA A 205 13.58 -3.93 6.58
N THR A 206 13.71 -2.89 5.76
CA THR A 206 14.42 -1.67 6.15
C THR A 206 13.55 -0.44 6.37
N VAL A 207 12.27 -0.53 6.00
CA VAL A 207 11.38 0.61 6.22
C VAL A 207 10.46 0.33 7.40
N ASN A 208 9.63 -0.68 7.25
CA ASN A 208 8.83 -1.19 8.35
C ASN A 208 9.67 -2.04 9.34
N GLN A 209 9.13 -2.30 10.52
CA GLN A 209 9.96 -2.78 11.63
C GLN A 209 10.38 -4.26 11.64
N GLY A 210 9.77 -5.10 10.79
CA GLY A 210 10.06 -6.52 10.81
C GLY A 210 9.27 -7.33 11.85
N PRO A 211 9.10 -8.63 11.58
CA PRO A 211 8.26 -9.54 12.39
C PRO A 211 8.80 -9.86 13.79
N LEU A 212 10.09 -9.64 14.05
CA LEU A 212 10.62 -9.95 15.36
C LEU A 212 9.85 -9.15 16.40
N GLU A 213 9.67 -7.87 16.11
CA GLU A 213 8.95 -6.98 17.03
C GLU A 213 7.59 -7.59 17.42
N VAL A 214 6.89 -8.18 16.44
CA VAL A 214 5.60 -8.80 16.68
C VAL A 214 5.68 -9.90 17.73
N ALA A 215 6.67 -10.77 17.59
CA ALA A 215 6.86 -11.83 18.56
C ALA A 215 7.23 -11.26 19.93
N GLN A 216 8.10 -10.26 19.96
CA GLN A 216 8.51 -9.70 21.24
C GLN A 216 7.31 -9.12 22.00
N VAL A 217 6.39 -8.52 21.26
CA VAL A 217 5.24 -7.87 21.89
C VAL A 217 4.19 -8.87 22.39
N PHE A 218 3.78 -9.75 21.48
CA PHE A 218 2.73 -10.71 21.73
C PHE A 218 3.11 -12.07 22.35
N LEU A 219 4.29 -12.58 22.01
CA LEU A 219 4.70 -13.91 22.48
C LEU A 219 5.69 -13.95 23.64
N ALA A 220 6.22 -12.80 24.04
CA ALA A 220 7.31 -12.80 25.00
C ALA A 220 6.84 -13.29 26.36
N GLU A 221 5.63 -12.91 26.74
CA GLU A 221 5.08 -13.39 28.00
C GLU A 221 3.87 -14.27 27.74
N ILE A 222 3.77 -15.34 28.52
CA ILE A 222 2.65 -16.26 28.36
C ILE A 222 1.52 -15.77 29.26
N PRO A 223 0.46 -15.24 28.63
CA PRO A 223 -0.62 -14.55 29.33
C PRO A 223 -1.25 -15.44 30.39
N ALA A 224 -1.72 -14.83 31.47
CA ALA A 224 -2.46 -15.53 32.51
C ALA A 224 -3.85 -15.90 31.98
N ASP A 225 -4.55 -14.90 31.46
CA ASP A 225 -5.91 -15.09 30.94
C ASP A 225 -5.95 -16.18 29.87
N PRO A 226 -6.82 -17.19 30.05
CA PRO A 226 -6.98 -18.34 29.15
C PRO A 226 -7.58 -17.96 27.80
N LYS A 227 -8.48 -16.98 27.79
CA LYS A 227 -9.06 -16.47 26.55
C LYS A 227 -7.95 -15.94 25.66
N LEU A 228 -6.94 -15.35 26.29
CA LEU A 228 -5.83 -14.77 25.57
C LEU A 228 -4.85 -15.84 25.13
N TYR A 229 -4.91 -17.00 25.79
CA TYR A 229 -3.99 -18.09 25.50
C TYR A 229 -4.25 -18.69 24.11
N ARG A 230 -5.51 -18.75 23.70
CA ARG A 230 -5.84 -19.23 22.36
C ARG A 230 -5.13 -18.40 21.28
N HIS A 231 -5.22 -17.08 21.38
CA HIS A 231 -4.59 -16.19 20.39
C HIS A 231 -3.07 -16.30 20.47
N HIS A 232 -2.55 -16.36 21.69
CA HIS A 232 -1.12 -16.52 21.90
C HIS A 232 -0.61 -17.77 21.19
N ASN A 233 -1.33 -18.88 21.37
CA ASN A 233 -0.96 -20.15 20.78
C ASN A 233 -1.13 -20.10 19.26
N LYS A 234 -2.23 -19.51 18.78
CA LYS A 234 -2.39 -19.33 17.35
C LYS A 234 -1.25 -18.53 16.71
N LEU A 235 -0.88 -17.42 17.33
CA LEU A 235 0.18 -16.57 16.80
C LEU A 235 1.49 -17.33 16.82
N ARG A 236 1.74 -18.06 17.91
CA ARG A 236 2.94 -18.87 18.00
C ARG A 236 3.01 -19.82 16.79
N LEU A 237 1.91 -20.48 16.48
CA LEU A 237 1.86 -21.39 15.35
C LEU A 237 2.05 -20.70 13.98
N CYS A 238 1.49 -19.50 13.81
CA CYS A 238 1.75 -18.70 12.62
C CYS A 238 3.24 -18.38 12.48
N PHE A 239 3.91 -18.12 13.60
CA PHE A 239 5.34 -17.91 13.52
C PHE A 239 6.14 -19.15 13.07
N LYS A 240 5.75 -20.34 13.56
CA LYS A 240 6.35 -21.57 13.06
C LYS A 240 6.24 -21.64 11.54
N GLU A 241 5.03 -21.45 11.04
CA GLU A 241 4.77 -21.57 9.62
C GLU A 241 5.58 -20.52 8.86
N PHE A 242 5.60 -19.31 9.42
CA PHE A 242 6.25 -18.15 8.78
C PHE A 242 7.75 -18.37 8.59
N ILE A 243 8.41 -18.76 9.67
CA ILE A 243 9.86 -18.91 9.62
C ILE A 243 10.22 -20.11 8.76
N MET A 244 9.40 -21.16 8.82
CA MET A 244 9.57 -22.29 7.93
C MET A 244 9.57 -21.83 6.46
N ARG A 245 8.55 -21.07 6.07
CA ARG A 245 8.45 -20.59 4.69
C ARG A 245 9.59 -19.64 4.32
N CYS A 246 10.08 -18.86 5.28
CA CYS A 246 11.26 -18.03 5.03
C CYS A 246 12.47 -18.86 4.62
N GLY A 247 12.69 -19.96 5.34
CA GLY A 247 13.82 -20.83 5.07
C GLY A 247 13.71 -21.42 3.68
N GLU A 248 12.48 -21.80 3.32
CA GLU A 248 12.24 -22.38 2.01
C GLU A 248 12.48 -21.30 0.96
N ALA A 249 12.04 -20.08 1.26
CA ALA A 249 12.26 -18.95 0.38
C ALA A 249 13.77 -18.75 0.15
N VAL A 250 14.54 -18.78 1.23
CA VAL A 250 15.97 -18.55 1.13
C VAL A 250 16.71 -19.58 0.27
N GLU A 251 16.45 -20.86 0.54
CA GLU A 251 17.11 -21.92 -0.20
C GLU A 251 16.68 -21.89 -1.67
N LYS A 252 15.42 -21.59 -1.90
CA LYS A 252 14.91 -21.52 -3.26
C LYS A 252 15.61 -20.43 -4.05
N ASN A 253 15.77 -19.27 -3.43
CA ASN A 253 16.38 -18.11 -4.11
C ASN A 253 17.85 -18.35 -4.49
N ARG A 254 18.55 -19.14 -3.66
CA ARG A 254 19.94 -19.48 -3.91
C ARG A 254 20.09 -19.98 -5.35
N ARG A 255 19.06 -20.69 -5.80
CA ARG A 255 19.07 -21.29 -7.12
C ARG A 255 18.68 -20.33 -8.26
N LEU A 256 17.97 -19.26 -7.92
CA LEU A 256 17.43 -18.34 -8.91
C LEU A 256 18.28 -17.09 -9.20
N ILE A 257 19.27 -16.81 -8.34
CA ILE A 257 19.96 -15.52 -8.40
C ILE A 257 21.01 -15.45 -9.50
N THR A 258 21.29 -14.24 -9.98
CA THR A 258 22.45 -13.99 -10.86
C THR A 258 23.73 -13.89 -10.03
N ALA A 259 24.87 -14.12 -10.66
CA ALA A 259 26.16 -13.96 -10.01
C ALA A 259 26.27 -12.58 -9.34
N GLU A 260 25.66 -11.58 -9.97
CA GLU A 260 25.66 -10.23 -9.45
C GLU A 260 25.01 -10.14 -8.07
N GLN A 261 24.07 -11.05 -7.82
CA GLN A 261 23.21 -11.04 -6.65
C GLN A 261 23.73 -11.88 -5.48
N ARG A 262 24.96 -12.36 -5.60
CA ARG A 262 25.54 -13.18 -4.55
C ARG A 262 25.55 -12.50 -3.19
N GLU A 263 25.97 -11.25 -3.17
CA GLU A 263 26.06 -10.53 -1.92
C GLU A 263 24.66 -10.18 -1.38
N TYR A 264 23.73 -9.97 -2.30
CA TYR A 264 22.32 -9.79 -1.96
C TYR A 264 21.81 -11.02 -1.22
N GLN A 265 21.97 -12.20 -1.84
CA GLN A 265 21.58 -13.47 -1.23
C GLN A 265 22.25 -13.72 0.13
N GLN A 266 23.56 -13.47 0.23
CA GLN A 266 24.27 -13.61 1.50
C GLN A 266 23.54 -12.86 2.60
N GLU A 267 23.21 -11.60 2.33
CA GLU A 267 22.48 -10.79 3.30
C GLU A 267 21.12 -11.40 3.64
N LEU A 268 20.37 -11.83 2.64
CA LEU A 268 19.06 -12.39 2.93
C LEU A 268 19.22 -13.61 3.86
N LYS A 269 20.22 -14.43 3.58
CA LYS A 269 20.51 -15.60 4.40
C LYS A 269 20.91 -15.19 5.81
N LYS A 270 21.77 -14.19 5.91
CA LYS A 270 22.17 -13.67 7.22
C LYS A 270 20.95 -13.13 8.00
N ASN A 271 20.08 -12.37 7.33
CA ASN A 271 18.86 -11.84 7.96
C ASN A 271 17.94 -12.96 8.47
N TYR A 272 17.71 -13.96 7.63
CA TYR A 272 16.92 -15.14 7.98
C TYR A 272 17.48 -15.87 9.21
N ASN A 273 18.79 -16.13 9.21
CA ASN A 273 19.40 -16.84 10.33
C ASN A 273 19.22 -16.12 11.66
N LYS A 274 19.44 -14.80 11.63
CA LYS A 274 19.31 -13.96 12.82
C LYS A 274 17.87 -13.95 13.33
N LEU A 275 16.92 -13.81 12.42
CA LEU A 275 15.51 -13.82 12.80
C LEU A 275 15.08 -15.20 13.33
N ARG A 276 15.47 -16.25 12.60
CA ARG A 276 15.22 -17.63 13.03
C ARG A 276 15.69 -17.86 14.45
N ASP A 277 16.98 -17.61 14.70
CA ASP A 277 17.54 -17.86 16.02
C ASP A 277 16.84 -17.04 17.11
N SER A 278 16.52 -15.79 16.79
CA SER A 278 15.82 -14.92 17.74
C SER A 278 14.40 -15.42 18.07
N LEU A 279 13.66 -15.85 17.07
CA LEU A 279 12.30 -16.34 17.33
C LEU A 279 12.27 -17.66 18.10
N ARG A 280 13.34 -18.44 17.99
CA ARG A 280 13.28 -19.82 18.43
C ARG A 280 12.72 -20.00 19.85
N PRO A 281 13.30 -19.31 20.83
CA PRO A 281 12.82 -19.38 22.21
C PRO A 281 11.34 -19.04 22.34
N MET A 282 10.86 -18.14 21.49
CA MET A 282 9.47 -17.74 21.56
C MET A 282 8.50 -18.73 20.92
N ILE A 283 8.95 -19.40 19.87
CA ILE A 283 8.09 -20.36 19.19
C ILE A 283 7.93 -21.66 19.99
N GLU A 284 8.83 -21.88 20.96
CA GLU A 284 8.66 -23.00 21.88
C GLU A 284 8.17 -22.44 23.21
N ARG A 285 6.88 -22.67 23.51
CA ARG A 285 6.25 -22.15 24.73
C ARG A 285 4.73 -22.32 24.70
N MET B 8 3.66 -11.73 -19.37
CA MET B 8 4.97 -11.97 -18.79
C MET B 8 4.92 -11.99 -17.26
N GLN B 9 6.07 -11.85 -16.63
CA GLN B 9 6.19 -11.99 -15.18
C GLN B 9 6.23 -10.67 -14.40
N THR B 10 6.59 -10.74 -13.12
CA THR B 10 6.70 -9.56 -12.28
C THR B 10 7.63 -8.52 -12.89
N ILE B 11 7.18 -7.28 -12.95
CA ILE B 11 8.04 -6.17 -13.34
C ILE B 11 8.66 -5.60 -12.07
N LYS B 12 9.99 -5.56 -12.01
CA LYS B 12 10.67 -5.15 -10.79
C LYS B 12 10.87 -3.65 -10.83
N CYS B 13 10.22 -2.97 -9.87
CA CYS B 13 10.23 -1.51 -9.78
C CYS B 13 10.80 -1.06 -8.45
N VAL B 14 12.00 -0.49 -8.48
CA VAL B 14 12.61 -0.05 -7.24
C VAL B 14 12.31 1.43 -7.00
N VAL B 15 11.87 1.72 -5.79
CA VAL B 15 11.40 3.04 -5.44
C VAL B 15 12.35 3.70 -4.46
N VAL B 16 12.99 4.78 -4.90
CA VAL B 16 13.97 5.50 -4.09
C VAL B 16 13.63 6.98 -3.93
N GLY B 17 14.25 7.59 -2.92
CA GLY B 17 14.19 9.01 -2.70
C GLY B 17 14.35 9.28 -1.20
N ASP B 18 14.42 10.55 -0.84
CA ASP B 18 14.62 10.95 0.55
C ASP B 18 13.56 10.41 1.51
N GLY B 19 13.99 10.11 2.72
CA GLY B 19 13.05 9.75 3.76
C GLY B 19 12.02 10.86 3.91
N ALA B 20 10.80 10.45 4.27
CA ALA B 20 9.73 11.38 4.58
C ALA B 20 9.19 12.16 3.38
N VAL B 21 9.31 11.61 2.16
CA VAL B 21 8.63 12.24 1.02
C VAL B 21 7.29 11.58 0.70
N GLY B 22 6.94 10.52 1.42
CA GLY B 22 5.66 9.87 1.23
C GLY B 22 5.72 8.68 0.28
N LYS B 23 6.92 8.15 0.10
CA LYS B 23 7.12 6.96 -0.71
C LYS B 23 6.25 5.80 -0.21
N ASN B 24 6.42 5.42 1.06
CA ASN B 24 5.70 4.28 1.59
C ASN B 24 4.19 4.50 1.53
N CYS B 25 3.76 5.69 1.88
CA CYS B 25 2.33 5.98 1.90
C CYS B 25 1.71 5.74 0.53
N LEU B 26 2.33 6.26 -0.53
CA LEU B 26 1.73 6.07 -1.83
C LEU B 26 1.77 4.61 -2.31
N LEU B 27 2.83 3.87 -1.97
CA LEU B 27 2.92 2.46 -2.36
C LEU B 27 1.83 1.65 -1.68
N ILE B 28 1.67 1.85 -0.37
CA ILE B 28 0.75 1.02 0.36
C ILE B 28 -0.68 1.41 0.03
N SER B 29 -0.93 2.70 -0.15
CA SER B 29 -2.27 3.16 -0.53
C SER B 29 -2.68 2.56 -1.88
N TYR B 30 -1.87 2.77 -2.90
CA TYR B 30 -2.22 2.27 -4.25
C TYR B 30 -2.39 0.76 -4.27
N THR B 31 -1.42 0.04 -3.71
CA THR B 31 -1.49 -1.41 -3.79
C THR B 31 -2.64 -2.00 -2.96
N THR B 32 -3.10 -1.30 -1.93
CA THR B 32 -4.25 -1.82 -1.16
C THR B 32 -5.63 -1.21 -1.46
N ASN B 33 -5.69 -0.26 -2.40
CA ASN B 33 -6.95 0.47 -2.65
C ASN B 33 -7.45 1.22 -1.41
N LYS B 34 -6.54 1.83 -0.67
CA LYS B 34 -6.91 2.53 0.56
C LYS B 34 -6.44 3.98 0.56
N PHE B 35 -7.23 4.88 1.13
CA PHE B 35 -6.76 6.24 1.39
C PHE B 35 -5.73 6.19 2.53
N PRO B 36 -4.90 7.25 2.66
CA PRO B 36 -3.87 7.26 3.71
C PRO B 36 -4.36 6.99 5.13
N SER B 37 -5.50 7.54 5.54
CA SER B 37 -5.91 7.35 6.92
C SER B 37 -6.50 5.98 7.23
N GLU B 38 -6.81 5.21 6.19
CA GLU B 38 -7.39 3.88 6.37
C GLU B 38 -6.47 2.68 6.09
N TYR B 39 -5.23 2.93 5.70
CA TYR B 39 -4.36 1.81 5.33
C TYR B 39 -4.01 1.05 6.60
N VAL B 40 -4.01 -0.27 6.47
CA VAL B 40 -3.71 -1.19 7.56
C VAL B 40 -2.20 -1.29 7.68
N PRO B 41 -1.65 -0.99 8.86
CA PRO B 41 -0.20 -0.97 8.97
C PRO B 41 0.39 -2.39 8.90
N THR B 42 1.65 -2.50 8.48
CA THR B 42 2.29 -3.80 8.37
C THR B 42 3.74 -3.66 8.83
N VAL B 43 4.30 -4.77 9.35
CA VAL B 43 5.69 -4.75 9.78
C VAL B 43 6.59 -5.19 8.63
N PHE B 44 6.00 -5.47 7.48
CA PHE B 44 6.69 -6.04 6.32
C PHE B 44 6.94 -4.99 5.23
N ASP B 45 7.99 -5.20 4.46
CA ASP B 45 8.31 -4.30 3.33
C ASP B 45 7.92 -4.84 1.96
N ASN B 46 7.72 -3.86 1.09
CA ASN B 46 7.29 -3.87 -0.30
C ASN B 46 5.89 -4.38 -0.64
N TYR B 47 5.60 -4.35 -1.94
CA TYR B 47 4.19 -4.33 -2.35
C TYR B 47 4.05 -4.88 -3.77
N ALA B 48 3.05 -5.73 -3.97
CA ALA B 48 2.74 -6.25 -5.26
C ALA B 48 1.38 -5.70 -5.69
N VAL B 49 1.25 -5.37 -6.97
CA VAL B 49 -0.04 -4.89 -7.47
C VAL B 49 -0.22 -5.33 -8.91
N THR B 50 -1.44 -5.75 -9.23
CA THR B 50 -1.76 -6.07 -10.61
C THR B 50 -2.62 -4.97 -11.18
N VAL B 51 -2.29 -4.53 -12.37
CA VAL B 51 -2.94 -3.37 -12.94
C VAL B 51 -3.27 -3.72 -14.37
N MET B 52 -4.34 -3.15 -14.90
CA MET B 52 -4.72 -3.39 -16.28
C MET B 52 -4.41 -2.13 -17.07
N ILE B 53 -3.78 -2.33 -18.23
CA ILE B 53 -3.52 -1.29 -19.19
C ILE B 53 -3.88 -1.87 -20.55
N GLY B 54 -4.77 -1.19 -21.27
CA GLY B 54 -5.24 -1.67 -22.55
C GLY B 54 -5.73 -3.11 -22.46
N GLY B 55 -6.49 -3.42 -21.41
CA GLY B 55 -7.06 -4.75 -21.27
C GLY B 55 -6.05 -5.85 -21.01
N GLU B 56 -4.79 -5.49 -20.80
CA GLU B 56 -3.74 -6.44 -20.44
C GLU B 56 -3.34 -6.33 -18.96
N PRO B 57 -3.39 -7.44 -18.22
CA PRO B 57 -2.89 -7.38 -16.85
C PRO B 57 -1.37 -7.33 -16.81
N TYR B 58 -0.84 -6.54 -15.88
CA TYR B 58 0.58 -6.48 -15.61
C TYR B 58 0.79 -6.48 -14.11
N THR B 59 1.83 -7.19 -13.66
CA THR B 59 2.15 -7.23 -12.23
C THR B 59 3.40 -6.44 -11.93
N LEU B 60 3.31 -5.58 -10.93
CA LEU B 60 4.42 -4.75 -10.51
C LEU B 60 4.88 -5.22 -9.13
N GLY B 61 6.14 -5.64 -8.99
CA GLY B 61 6.76 -5.72 -7.68
C GLY B 61 7.33 -4.38 -7.29
N LEU B 62 6.87 -3.80 -6.19
CA LEU B 62 7.37 -2.47 -5.78
C LEU B 62 8.30 -2.62 -4.59
N PHE B 63 9.58 -2.36 -4.83
CA PHE B 63 10.58 -2.42 -3.77
C PHE B 63 10.71 -1.05 -3.10
N ASP B 64 10.25 -1.01 -1.84
CA ASP B 64 10.30 0.16 -0.98
C ASP B 64 11.70 0.22 -0.35
N THR B 65 12.35 1.38 -0.40
CA THR B 65 13.72 1.45 0.11
C THR B 65 13.87 2.52 1.20
N ALA B 66 14.89 2.36 2.03
CA ALA B 66 15.21 3.32 3.09
C ALA B 66 16.22 4.32 2.56
N GLY B 67 15.87 5.60 2.49
CA GLY B 67 16.75 6.59 1.89
C GLY B 67 17.94 7.04 2.73
N GLN B 68 17.90 6.73 4.02
CA GLN B 68 18.93 7.19 4.94
C GLN B 68 20.33 6.64 4.62
N GLU B 69 21.35 7.43 4.96
CA GLU B 69 22.74 7.07 4.69
C GLU B 69 23.17 5.73 5.32
N ASP B 70 22.57 5.38 6.46
CA ASP B 70 22.84 4.08 7.08
C ASP B 70 22.63 2.91 6.08
N TYR B 71 21.73 3.12 5.13
CA TYR B 71 21.45 2.10 4.12
C TYR B 71 22.18 2.26 2.80
N ASP B 72 23.09 3.25 2.71
CA ASP B 72 23.86 3.49 1.49
C ASP B 72 24.59 2.25 0.94
N ARG B 73 25.09 1.40 1.83
CA ARG B 73 25.79 0.19 1.42
C ARG B 73 24.82 -0.95 1.05
N LEU B 74 23.71 -1.03 1.79
CA LEU B 74 22.75 -2.13 1.64
C LEU B 74 21.75 -1.95 0.49
N ARG B 75 21.34 -0.71 0.29
CA ARG B 75 20.24 -0.40 -0.60
C ARG B 75 20.51 -0.85 -2.05
N PRO B 76 21.69 -0.52 -2.59
CA PRO B 76 22.00 -0.91 -3.98
C PRO B 76 22.02 -2.42 -4.21
N LEU B 77 22.18 -3.19 -3.14
CA LEU B 77 22.11 -4.65 -3.23
C LEU B 77 20.82 -5.10 -3.89
N SER B 78 19.78 -4.27 -3.81
CA SER B 78 18.50 -4.57 -4.43
C SER B 78 18.43 -4.16 -5.91
N TYR B 79 19.44 -3.45 -6.40
CA TYR B 79 19.39 -2.86 -7.75
C TYR B 79 19.47 -3.80 -8.97
N PRO B 80 20.31 -4.85 -8.87
CA PRO B 80 20.38 -5.76 -10.01
C PRO B 80 19.01 -6.29 -10.49
N GLN B 81 18.84 -6.42 -11.81
CA GLN B 81 17.59 -6.91 -12.41
C GLN B 81 16.38 -5.95 -12.31
N THR B 82 16.58 -4.77 -11.73
CA THR B 82 15.52 -3.74 -11.76
C THR B 82 15.04 -3.44 -13.17
N ASP B 83 13.72 -3.48 -13.38
CA ASP B 83 13.14 -3.11 -14.69
C ASP B 83 12.89 -1.62 -14.88
N VAL B 84 12.52 -0.94 -13.80
CA VAL B 84 12.29 0.51 -13.83
C VAL B 84 12.49 1.09 -12.43
N PHE B 85 13.01 2.31 -12.34
CA PHE B 85 13.14 2.98 -11.05
C PHE B 85 12.15 4.14 -10.93
N LEU B 86 11.67 4.36 -9.72
CA LEU B 86 10.93 5.58 -9.42
C LEU B 86 11.79 6.44 -8.52
N VAL B 87 12.17 7.62 -9.00
CA VAL B 87 12.96 8.55 -8.19
C VAL B 87 12.03 9.66 -7.65
N CYS B 88 11.78 9.62 -6.35
CA CYS B 88 10.72 10.40 -5.72
C CYS B 88 11.23 11.59 -4.92
N PHE B 89 10.53 12.70 -5.03
CA PHE B 89 10.75 13.84 -4.15
C PHE B 89 9.37 14.47 -3.86
N SER B 90 9.24 15.21 -2.77
CA SER B 90 8.00 15.95 -2.51
C SER B 90 8.06 17.34 -3.13
N VAL B 91 7.01 17.72 -3.85
CA VAL B 91 6.94 19.03 -4.48
C VAL B 91 6.95 20.18 -3.48
N VAL B 92 6.72 19.87 -2.20
CA VAL B 92 6.89 20.88 -1.14
C VAL B 92 8.21 20.74 -0.36
N SER B 93 9.13 19.91 -0.85
CA SER B 93 10.46 19.75 -0.24
C SER B 93 11.59 19.99 -1.24
N PRO B 94 12.01 21.25 -1.38
CA PRO B 94 13.16 21.54 -2.24
C PRO B 94 14.38 20.71 -1.86
N SER B 95 14.62 20.42 -0.58
CA SER B 95 15.79 19.58 -0.27
C SER B 95 15.69 18.19 -0.93
N SER B 96 14.49 17.62 -0.92
CA SER B 96 14.30 16.28 -1.51
C SER B 96 14.46 16.37 -3.02
N PHE B 97 14.12 17.53 -3.58
CA PHE B 97 14.24 17.72 -5.01
C PHE B 97 15.73 17.85 -5.40
N GLU B 98 16.45 18.70 -4.66
CA GLU B 98 17.90 18.79 -4.82
C GLU B 98 18.62 17.43 -4.68
N ASN B 99 18.09 16.55 -3.82
CA ASN B 99 18.68 15.22 -3.67
C ASN B 99 18.46 14.26 -4.85
N VAL B 100 17.37 14.48 -5.58
CA VAL B 100 17.21 13.81 -6.86
C VAL B 100 18.50 14.03 -7.66
N LYS B 101 18.91 15.30 -7.75
CA LYS B 101 20.04 15.69 -8.59
C LYS B 101 21.35 15.16 -8.05
N GLU B 102 21.61 15.38 -6.76
CA GLU B 102 22.94 15.10 -6.23
C GLU B 102 23.11 13.69 -5.65
N LYS B 103 22.01 13.03 -5.35
CA LYS B 103 22.11 11.71 -4.73
C LYS B 103 21.45 10.60 -5.54
N TRP B 104 20.14 10.69 -5.70
CA TRP B 104 19.37 9.60 -6.33
C TRP B 104 19.70 9.30 -7.81
N VAL B 105 19.64 10.30 -8.68
CA VAL B 105 19.98 9.99 -10.07
C VAL B 105 21.43 9.47 -10.19
N PRO B 106 22.40 10.14 -9.57
CA PRO B 106 23.75 9.56 -9.67
C PRO B 106 23.79 8.13 -9.13
N GLU B 107 23.14 7.84 -7.99
CA GLU B 107 23.22 6.50 -7.43
C GLU B 107 22.66 5.45 -8.37
N ILE B 108 21.43 5.64 -8.86
CA ILE B 108 20.85 4.57 -9.67
C ILE B 108 21.52 4.46 -11.04
N THR B 109 22.00 5.57 -11.59
CA THR B 109 22.63 5.51 -12.89
C THR B 109 24.03 4.93 -12.78
N HIS B 110 24.66 5.06 -11.62
CA HIS B 110 25.95 4.39 -11.42
C HIS B 110 25.77 2.86 -11.43
N HIS B 111 24.72 2.37 -10.77
CA HIS B 111 24.47 0.93 -10.70
C HIS B 111 23.79 0.33 -11.94
N CYS B 112 22.92 1.11 -12.56
CA CYS B 112 22.06 0.60 -13.62
C CYS B 112 21.95 1.60 -14.78
N PRO B 113 23.07 1.87 -15.47
CA PRO B 113 23.20 2.97 -16.45
C PRO B 113 22.21 2.87 -17.60
N LYS B 114 21.76 1.66 -17.90
CA LYS B 114 20.79 1.47 -18.97
C LYS B 114 19.33 1.34 -18.50
N THR B 115 19.09 1.39 -17.21
CA THR B 115 17.74 1.13 -16.71
C THR B 115 16.91 2.42 -16.66
N PRO B 116 15.72 2.40 -17.28
CA PRO B 116 14.83 3.56 -17.29
C PRO B 116 14.39 3.98 -15.89
N PHE B 117 14.26 5.28 -15.68
CA PHE B 117 13.75 5.79 -14.43
C PHE B 117 12.80 6.96 -14.69
N LEU B 118 11.85 7.13 -13.78
CA LEU B 118 10.93 8.26 -13.83
C LEU B 118 11.25 9.14 -12.65
N LEU B 119 11.00 10.44 -12.81
CA LEU B 119 10.96 11.36 -11.67
C LEU B 119 9.53 11.39 -11.23
N VAL B 120 9.31 11.22 -9.92
CA VAL B 120 7.96 11.25 -9.36
C VAL B 120 7.87 12.35 -8.31
N GLY B 121 7.08 13.39 -8.58
CA GLY B 121 6.80 14.37 -7.56
C GLY B 121 5.65 13.92 -6.67
N THR B 122 5.76 14.11 -5.35
CA THR B 122 4.68 13.72 -4.46
C THR B 122 4.05 14.89 -3.69
N GLN B 123 2.97 14.59 -2.97
CA GLN B 123 2.31 15.57 -2.12
C GLN B 123 1.89 16.79 -2.93
N ILE B 124 1.38 16.59 -4.13
CA ILE B 124 1.03 17.73 -4.97
C ILE B 124 -0.20 18.46 -4.44
N ASP B 125 -0.99 17.78 -3.62
CA ASP B 125 -2.15 18.43 -3.00
C ASP B 125 -1.68 19.62 -2.12
N LEU B 126 -0.46 19.58 -1.59
CA LEU B 126 -0.02 20.71 -0.76
C LEU B 126 0.50 21.89 -1.57
N ARG B 127 0.94 21.63 -2.79
CA ARG B 127 1.61 22.63 -3.61
C ARG B 127 0.78 23.88 -3.88
N ASP B 128 -0.51 23.73 -4.13
CA ASP B 128 -1.30 24.90 -4.49
C ASP B 128 -2.02 25.52 -3.27
N ASP B 129 -1.89 24.88 -2.11
CA ASP B 129 -2.39 25.46 -0.87
C ASP B 129 -1.61 26.73 -0.49
N PRO B 130 -2.30 27.89 -0.46
CA PRO B 130 -1.69 29.19 -0.16
C PRO B 130 -0.94 29.21 1.17
N SER B 131 -1.49 28.54 2.19
CA SER B 131 -0.82 28.57 3.48
C SER B 131 0.50 27.78 3.42
N THR B 132 0.53 26.70 2.65
CA THR B 132 1.78 25.94 2.51
C THR B 132 2.83 26.75 1.76
N ILE B 133 2.42 27.36 0.64
CA ILE B 133 3.29 28.23 -0.15
C ILE B 133 3.87 29.33 0.73
N GLU B 134 3.00 29.95 1.52
CA GLU B 134 3.41 31.00 2.44
C GLU B 134 4.35 30.51 3.55
N LYS B 135 4.07 29.34 4.12
CA LYS B 135 4.97 28.74 5.10
C LYS B 135 6.35 28.54 4.46
N LEU B 136 6.39 28.02 3.23
CA LEU B 136 7.70 27.86 2.56
C LEU B 136 8.34 29.23 2.34
N ALA B 137 7.53 30.20 1.94
CA ALA B 137 8.02 31.55 1.64
C ALA B 137 8.73 32.15 2.86
N LYS B 138 8.12 31.96 4.04
CA LYS B 138 8.75 32.43 5.28
C LYS B 138 10.11 31.76 5.53
N ASN B 139 10.26 30.51 5.10
CA ASN B 139 11.53 29.77 5.21
C ASN B 139 12.45 30.00 4.01
N LYS B 140 12.08 30.96 3.17
CA LYS B 140 12.88 31.31 2.00
C LYS B 140 12.95 30.16 0.99
N GLN B 141 11.82 29.48 0.84
CA GLN B 141 11.68 28.39 -0.12
C GLN B 141 10.45 28.60 -1.00
N LYS B 142 10.44 27.92 -2.14
CA LYS B 142 9.21 27.81 -2.93
C LYS B 142 9.02 26.36 -3.39
N PRO B 143 7.78 25.97 -3.68
CA PRO B 143 7.50 24.58 -4.06
C PRO B 143 8.04 24.31 -5.46
N ILE B 144 8.17 23.04 -5.82
CA ILE B 144 8.70 22.68 -7.13
C ILE B 144 7.54 22.65 -8.14
N THR B 145 7.60 23.48 -9.17
CA THR B 145 6.50 23.53 -10.15
C THR B 145 6.64 22.36 -11.14
N PRO B 146 5.54 21.93 -11.76
CA PRO B 146 5.66 20.87 -12.77
C PRO B 146 6.66 21.28 -13.88
N GLU B 147 6.70 22.56 -14.22
CA GLU B 147 7.61 23.02 -15.26
C GLU B 147 9.07 22.75 -14.89
N THR B 148 9.48 23.06 -13.67
CA THR B 148 10.89 22.85 -13.37
C THR B 148 11.22 21.36 -13.24
N ALA B 149 10.29 20.58 -12.66
CA ALA B 149 10.50 19.15 -12.53
C ALA B 149 10.54 18.49 -13.91
N GLU B 150 9.63 18.92 -14.80
CA GLU B 150 9.67 18.42 -16.17
C GLU B 150 11.01 18.76 -16.82
N LYS B 151 11.50 19.96 -16.57
CA LYS B 151 12.78 20.36 -17.18
C LYS B 151 13.90 19.49 -16.63
N LEU B 152 13.84 19.21 -15.33
CA LEU B 152 14.85 18.40 -14.67
C LEU B 152 14.81 16.98 -15.22
N ALA B 153 13.59 16.43 -15.30
CA ALA B 153 13.39 15.12 -15.91
C ALA B 153 14.05 15.04 -17.28
N ARG B 154 13.85 16.05 -18.11
CA ARG B 154 14.48 16.01 -19.42
C ARG B 154 16.00 16.18 -19.32
N ASP B 155 16.44 17.05 -18.41
CA ASP B 155 17.87 17.29 -18.24
C ASP B 155 18.64 16.10 -17.68
N LEU B 156 18.00 15.30 -16.84
CA LEU B 156 18.67 14.14 -16.27
C LEU B 156 18.37 12.87 -17.04
N LYS B 157 17.58 12.99 -18.11
CA LYS B 157 17.26 11.85 -18.97
C LYS B 157 16.40 10.77 -18.27
N ALA B 158 15.46 11.23 -17.45
CA ALA B 158 14.41 10.37 -16.93
C ALA B 158 13.48 10.09 -18.10
N VAL B 159 12.82 8.95 -18.06
CA VAL B 159 11.91 8.59 -19.15
C VAL B 159 10.76 9.60 -19.18
N LYS B 160 10.29 9.97 -18.00
CA LYS B 160 9.48 11.17 -17.89
C LYS B 160 9.25 11.63 -16.45
N TYR B 161 8.51 12.73 -16.32
CA TYR B 161 8.11 13.24 -15.03
C TYR B 161 6.63 12.92 -14.78
N VAL B 162 6.32 12.37 -13.61
CA VAL B 162 4.94 12.16 -13.24
C VAL B 162 4.78 12.66 -11.81
N GLU B 163 3.55 13.02 -11.45
CA GLU B 163 3.30 13.44 -10.07
C GLU B 163 1.93 13.00 -9.56
N CYS B 164 1.82 12.95 -8.24
CA CYS B 164 0.63 12.36 -7.64
C CYS B 164 0.44 12.86 -6.20
N SER B 165 -0.77 12.68 -5.70
CA SER B 165 -1.09 12.82 -4.28
C SER B 165 -1.61 11.50 -3.71
N ALA B 166 -0.90 10.92 -2.74
CA ALA B 166 -1.44 9.76 -2.01
C ALA B 166 -2.79 10.09 -1.39
N LEU B 167 -2.95 11.36 -1.02
CA LEU B 167 -4.17 11.77 -0.32
C LEU B 167 -5.36 11.90 -1.28
N THR B 168 -5.24 12.76 -2.27
CA THR B 168 -6.33 12.97 -3.20
C THR B 168 -6.43 11.86 -4.24
N GLN B 169 -5.35 11.07 -4.39
CA GLN B 169 -5.33 9.98 -5.38
C GLN B 169 -5.01 10.52 -6.79
N LYS B 170 -4.93 11.84 -6.90
CA LYS B 170 -4.66 12.52 -8.18
C LYS B 170 -3.32 12.03 -8.71
N GLY B 171 -3.31 11.48 -9.93
CA GLY B 171 -2.09 11.05 -10.61
C GLY B 171 -1.49 9.73 -10.13
N LEU B 172 -2.09 9.15 -9.09
CA LEU B 172 -1.57 7.96 -8.44
C LEU B 172 -1.58 6.72 -9.35
N LYS B 173 -2.72 6.43 -9.99
CA LYS B 173 -2.78 5.37 -11.00
C LYS B 173 -1.77 5.64 -12.10
N ASN B 174 -1.71 6.89 -12.54
CA ASN B 174 -0.83 7.21 -13.65
C ASN B 174 0.67 6.95 -13.37
N VAL B 175 1.11 7.22 -12.16
CA VAL B 175 2.50 6.97 -11.81
C VAL B 175 2.88 5.52 -12.11
N PHE B 176 2.05 4.57 -11.66
CA PHE B 176 2.36 3.15 -11.88
C PHE B 176 2.16 2.65 -13.30
N ASP B 177 1.23 3.26 -14.03
CA ASP B 177 1.04 2.92 -15.42
C ASP B 177 2.29 3.29 -16.21
N GLU B 178 2.85 4.45 -15.90
CA GLU B 178 3.98 4.95 -16.68
C GLU B 178 5.20 4.13 -16.33
N ALA B 179 5.26 3.63 -15.10
CA ALA B 179 6.35 2.76 -14.67
C ALA B 179 6.32 1.48 -15.50
N ILE B 180 5.14 0.93 -15.66
CA ILE B 180 5.00 -0.30 -16.42
C ILE B 180 5.35 -0.03 -17.90
N LEU B 181 4.78 1.04 -18.43
CA LEU B 181 5.06 1.40 -19.83
C LEU B 181 6.56 1.63 -20.07
N ALA B 182 7.24 2.21 -19.07
CA ALA B 182 8.68 2.44 -19.21
C ALA B 182 9.43 1.11 -19.18
N ALA B 183 8.99 0.17 -18.36
CA ALA B 183 9.62 -1.15 -18.29
C ALA B 183 9.38 -2.04 -19.52
N LEU B 184 8.23 -1.89 -20.17
CA LEU B 184 7.96 -2.70 -21.33
C LEU B 184 8.76 -2.22 -22.54
N GLU B 185 9.43 -1.08 -22.40
CA GLU B 185 10.26 -0.54 -23.49
C GLU B 185 10.71 0.88 -23.17
#